data_1NVQ
#
_entry.id   1NVQ
#
_cell.length_a   45.022
_cell.length_b   65.641
_cell.length_c   57.865
_cell.angle_alpha   90.00
_cell.angle_beta   94.16
_cell.angle_gamma   90.00
#
_symmetry.space_group_name_H-M   'P 1 21 1'
#
loop_
_entity.id
_entity.type
_entity.pdbx_description
1 polymer 'Serine/threonine-protein kinase Chk1'
2 polymer 'Peptide ASVSA'
3 non-polymer 'SULFATE ION'
4 non-polymer 7-HYDROXYSTAUROSPORINE
5 water water
#
loop_
_entity_poly.entity_id
_entity_poly.type
_entity_poly.pdbx_seq_one_letter_code
_entity_poly.pdbx_strand_id
1 'polypeptide(L)'
;MAVPFVEDWDLVQTLGEGAYGEVQLAVNRVTEEAVAVKIVDMKRAVDCPENIKKEICINKMLNHENVVKFYGHRREGNIQ
YLFLEYCSGGELFDRIEPDIGMPEPDAQRFFHQLMAGVVYLHGIGITHRDIKPENLLLDERDNLKISDFGLATVFRYNNR
ERLLNKMCGTLPYVAPELLKRREFHAEPVDVWSCGIVLTAMLAGELPWDQPSDSCQEYSDWKEKKTYLNPWKKIDSAPLA
LLHKILVENPSARITIPDIKKDRWYNKPLKKGAKRPRVTSGGVSESPSG
;
A
2 'polypeptide(L)' ASVSA B
#
loop_
_chem_comp.id
_chem_comp.type
_chem_comp.name
_chem_comp.formula
SO4 non-polymer 'SULFATE ION' 'O4 S -2'
UCN non-polymer 7-HYDROXYSTAUROSPORINE 'C28 H26 N4 O4'
#
# COMPACT_ATOMS: atom_id res chain seq x y z
N VAL A 3 3.53 18.42 32.95
CA VAL A 3 4.38 19.21 32.01
C VAL A 3 3.51 19.98 31.02
N PRO A 4 3.41 21.30 31.21
CA PRO A 4 2.59 22.13 30.33
C PRO A 4 3.12 22.23 28.89
N PHE A 5 2.20 22.48 27.95
CA PHE A 5 2.52 22.64 26.54
C PHE A 5 2.74 21.33 25.77
N VAL A 6 2.93 20.21 26.47
CA VAL A 6 3.17 18.93 25.81
C VAL A 6 2.07 18.46 24.87
N GLU A 7 0.90 19.08 24.97
CA GLU A 7 -0.21 18.70 24.10
C GLU A 7 -0.39 19.65 22.93
N ASP A 8 0.59 20.55 22.75
CA ASP A 8 0.54 21.49 21.65
C ASP A 8 1.39 21.01 20.49
N TRP A 9 0.82 21.08 19.29
CA TRP A 9 1.53 20.65 18.09
C TRP A 9 1.47 21.75 17.05
N ASP A 10 2.62 22.06 16.45
CA ASP A 10 2.66 23.08 15.41
C ASP A 10 2.63 22.38 14.05
N LEU A 11 1.76 22.86 13.17
CA LEU A 11 1.65 22.30 11.83
C LEU A 11 2.64 23.07 10.98
N VAL A 12 3.77 22.43 10.70
CA VAL A 12 4.84 23.07 9.95
C VAL A 12 4.91 22.78 8.46
N GLN A 13 4.14 21.81 7.98
CA GLN A 13 4.21 21.48 6.57
C GLN A 13 3.05 20.62 6.07
N THR A 14 2.63 20.89 4.84
CA THR A 14 1.54 20.15 4.23
C THR A 14 2.14 18.94 3.54
N LEU A 15 1.76 17.75 4.00
CA LEU A 15 2.28 16.51 3.42
C LEU A 15 1.48 16.11 2.18
N GLY A 16 0.16 16.25 2.27
CA GLY A 16 -0.68 15.90 1.15
C GLY A 16 -2.03 16.59 1.23
N GLU A 17 -2.65 16.80 0.08
CA GLU A 17 -3.96 17.45 0.00
C GLU A 17 -4.89 16.61 -0.86
N GLY A 18 -5.97 17.24 -1.32
CA GLY A 18 -6.93 16.54 -2.16
C GLY A 18 -8.35 16.57 -1.62
N ALA A 19 -9.31 16.31 -2.51
CA ALA A 19 -10.72 16.30 -2.13
C ALA A 19 -10.99 15.28 -1.03
N TYR A 20 -10.80 15.71 0.22
CA TYR A 20 -11.00 14.86 1.39
C TYR A 20 -10.43 15.57 2.61
N GLY A 21 -9.64 16.61 2.35
CA GLY A 21 -9.03 17.35 3.43
C GLY A 21 -7.54 17.51 3.21
N GLU A 22 -6.75 17.36 4.27
CA GLU A 22 -5.30 17.49 4.16
C GLU A 22 -4.55 16.72 5.24
N VAL A 23 -3.27 16.48 4.97
CA VAL A 23 -2.40 15.78 5.90
C VAL A 23 -1.25 16.73 6.22
N GLN A 24 -1.10 17.07 7.49
CA GLN A 24 -0.05 18.00 7.91
C GLN A 24 1.01 17.34 8.78
N LEU A 25 2.23 17.86 8.67
CA LEU A 25 3.33 17.40 9.49
C LEU A 25 3.21 18.24 10.76
N ALA A 26 3.14 17.59 11.90
CA ALA A 26 3.02 18.31 13.17
C ALA A 26 4.21 18.01 14.06
N VAL A 27 4.70 19.05 14.73
CA VAL A 27 5.84 18.93 15.63
C VAL A 27 5.43 19.34 17.04
N ASN A 28 5.71 18.49 18.01
CA ASN A 28 5.34 18.79 19.39
C ASN A 28 6.11 19.99 19.91
N ARG A 29 5.37 20.96 20.42
CA ARG A 29 5.93 22.20 20.95
C ARG A 29 7.03 21.96 22.00
N VAL A 30 6.84 20.95 22.83
CA VAL A 30 7.82 20.64 23.87
C VAL A 30 8.87 19.60 23.46
N THR A 31 8.39 18.41 23.11
CA THR A 31 9.29 17.31 22.75
C THR A 31 9.86 17.36 21.34
N GLU A 32 9.21 18.10 20.46
CA GLU A 32 9.63 18.21 19.07
C GLU A 32 9.40 16.90 18.31
N GLU A 33 8.61 16.00 18.90
CA GLU A 33 8.28 14.75 18.25
C GLU A 33 7.45 15.07 17.00
N ALA A 34 7.72 14.37 15.91
CA ALA A 34 6.99 14.60 14.67
C ALA A 34 5.90 13.55 14.44
N VAL A 35 4.73 14.01 14.02
CA VAL A 35 3.61 13.12 13.75
C VAL A 35 2.81 13.69 12.58
N ALA A 36 2.12 12.81 11.86
CA ALA A 36 1.30 13.26 10.73
C ALA A 36 -0.12 13.43 11.24
N VAL A 37 -0.78 14.50 10.84
CA VAL A 37 -2.15 14.73 11.28
C VAL A 37 -3.08 14.84 10.10
N LYS A 38 -4.03 13.92 9.99
CA LYS A 38 -4.98 13.98 8.91
C LYS A 38 -6.13 14.84 9.42
N ILE A 39 -6.45 15.88 8.66
CA ILE A 39 -7.51 16.80 9.03
C ILE A 39 -8.64 16.66 8.03
N VAL A 40 -9.83 16.32 8.52
CA VAL A 40 -10.96 16.15 7.63
C VAL A 40 -12.17 17.00 8.01
N ASP A 41 -12.68 17.75 7.03
CA ASP A 41 -13.84 18.59 7.25
C ASP A 41 -15.08 17.72 7.04
N MET A 42 -15.74 17.37 8.14
CA MET A 42 -16.93 16.53 8.10
C MET A 42 -17.98 16.99 7.09
N LYS A 43 -17.94 18.28 6.73
CA LYS A 43 -18.89 18.85 5.78
C LYS A 43 -18.71 18.28 4.38
N ASN A 51 -17.54 6.74 6.71
CA ASN A 51 -16.16 6.93 6.17
C ASN A 51 -15.15 7.18 7.29
N ILE A 52 -15.14 8.40 7.81
CA ILE A 52 -14.23 8.78 8.89
C ILE A 52 -14.29 7.81 10.05
N LYS A 53 -15.51 7.51 10.49
CA LYS A 53 -15.72 6.60 11.62
C LYS A 53 -15.13 5.22 11.35
N LYS A 54 -15.23 4.77 10.10
CA LYS A 54 -14.71 3.46 9.74
C LYS A 54 -13.18 3.46 9.72
N GLU A 55 -12.60 4.48 9.11
CA GLU A 55 -11.15 4.59 9.04
C GLU A 55 -10.55 4.56 10.43
N ILE A 56 -11.16 5.29 11.37
CA ILE A 56 -10.68 5.33 12.74
C ILE A 56 -10.77 3.95 13.37
N CYS A 57 -11.92 3.31 13.21
CA CYS A 57 -12.13 1.98 13.76
C CYS A 57 -11.01 1.03 13.30
N ILE A 58 -10.75 1.01 12.00
CA ILE A 58 -9.72 0.14 11.46
C ILE A 58 -8.32 0.52 11.95
N ASN A 59 -8.02 1.82 11.96
CA ASN A 59 -6.71 2.29 12.42
C ASN A 59 -6.40 1.88 13.86
N LYS A 60 -7.42 1.78 14.70
CA LYS A 60 -7.23 1.40 16.09
C LYS A 60 -6.79 -0.06 16.23
N MET A 61 -7.01 -0.85 15.18
CA MET A 61 -6.63 -2.26 15.18
C MET A 61 -5.18 -2.50 14.74
N LEU A 62 -4.60 -1.52 14.05
CA LEU A 62 -3.25 -1.65 13.51
C LEU A 62 -2.03 -1.49 14.40
N ASN A 63 -1.27 -2.58 14.54
CA ASN A 63 -0.05 -2.57 15.34
C ASN A 63 1.00 -3.46 14.68
N HIS A 64 1.78 -2.88 13.76
CA HIS A 64 2.80 -3.65 13.08
C HIS A 64 3.85 -2.70 12.51
N GLU A 65 5.12 -3.13 12.54
CA GLU A 65 6.23 -2.32 12.06
C GLU A 65 6.17 -1.85 10.61
N ASN A 66 5.36 -2.50 9.77
CA ASN A 66 5.27 -2.08 8.37
C ASN A 66 3.92 -1.47 8.02
N VAL A 67 3.20 -1.00 9.03
CA VAL A 67 1.91 -0.35 8.87
C VAL A 67 1.92 0.95 9.68
N VAL A 68 1.45 2.05 9.08
CA VAL A 68 1.44 3.32 9.80
C VAL A 68 0.62 3.19 11.07
N LYS A 69 1.23 3.54 12.19
CA LYS A 69 0.59 3.46 13.50
C LYS A 69 -0.39 4.61 13.73
N PHE A 70 -1.44 4.33 14.50
CA PHE A 70 -2.46 5.31 14.84
C PHE A 70 -2.27 5.70 16.30
N TYR A 71 -2.21 7.01 16.57
CA TYR A 71 -2.01 7.49 17.93
C TYR A 71 -3.30 7.93 18.60
N GLY A 72 -4.31 8.27 17.79
CA GLY A 72 -5.58 8.71 18.34
C GLY A 72 -6.24 9.74 17.46
N HIS A 73 -7.43 10.16 17.84
CA HIS A 73 -8.16 11.16 17.08
C HIS A 73 -8.79 12.20 17.99
N ARG A 74 -9.14 13.33 17.41
CA ARG A 74 -9.74 14.44 18.15
C ARG A 74 -10.55 15.25 17.16
N ARG A 75 -11.65 15.85 17.62
CA ARG A 75 -12.45 16.67 16.71
C ARG A 75 -12.94 17.94 17.39
N GLU A 76 -13.17 18.96 16.57
CA GLU A 76 -13.66 20.23 17.08
C GLU A 76 -14.79 20.70 16.20
N GLY A 77 -15.96 20.09 16.41
CA GLY A 77 -17.13 20.45 15.63
C GLY A 77 -17.27 19.65 14.35
N ASN A 78 -16.79 20.23 13.25
CA ASN A 78 -16.89 19.58 11.94
C ASN A 78 -15.54 19.09 11.43
N ILE A 79 -14.49 19.31 12.22
CA ILE A 79 -13.15 18.89 11.81
C ILE A 79 -12.60 17.78 12.69
N GLN A 80 -12.14 16.71 12.04
CA GLN A 80 -11.55 15.56 12.72
C GLN A 80 -10.04 15.59 12.54
N TYR A 81 -9.31 15.22 13.60
CA TYR A 81 -7.85 15.19 13.55
C TYR A 81 -7.34 13.80 13.92
N LEU A 82 -6.78 13.09 12.94
CA LEU A 82 -6.25 11.76 13.20
C LEU A 82 -4.73 11.86 13.31
N PHE A 83 -4.19 11.45 14.45
CA PHE A 83 -2.74 11.49 14.67
C PHE A 83 -2.13 10.17 14.24
N LEU A 84 -1.20 10.24 13.30
CA LEU A 84 -0.55 9.04 12.77
C LEU A 84 0.96 9.11 12.73
N GLU A 85 1.57 7.93 12.73
CA GLU A 85 3.02 7.82 12.67
C GLU A 85 3.52 8.57 11.44
N TYR A 86 4.56 9.38 11.61
CA TYR A 86 5.12 10.14 10.50
C TYR A 86 6.22 9.34 9.80
N CYS A 87 6.19 9.35 8.48
CA CYS A 87 7.18 8.64 7.67
C CYS A 87 7.95 9.68 6.85
N SER A 88 9.02 10.21 7.43
CA SER A 88 9.84 11.24 6.80
C SER A 88 10.45 10.85 5.46
N GLY A 89 10.50 9.55 5.17
CA GLY A 89 11.07 9.10 3.92
C GLY A 89 10.22 9.39 2.69
N GLY A 90 8.96 9.73 2.91
CA GLY A 90 8.10 10.03 1.79
C GLY A 90 7.56 8.79 1.09
N GLU A 91 7.04 8.96 -0.12
CA GLU A 91 6.46 7.88 -0.89
C GLU A 91 7.50 6.97 -1.55
N LEU A 92 7.20 5.68 -1.57
CA LEU A 92 8.07 4.71 -2.23
C LEU A 92 8.06 5.13 -3.70
N PHE A 93 6.92 5.70 -4.12
CA PHE A 93 6.76 6.17 -5.50
C PHE A 93 7.95 7.02 -5.96
N ASP A 94 8.41 7.93 -5.10
CA ASP A 94 9.52 8.80 -5.46
C ASP A 94 10.88 8.12 -5.50
N ARG A 95 10.95 6.84 -5.10
CA ARG A 95 12.21 6.10 -5.13
C ARG A 95 12.27 5.30 -6.43
N ILE A 96 11.22 5.40 -7.23
CA ILE A 96 11.18 4.68 -8.49
C ILE A 96 11.60 5.59 -9.63
N GLU A 97 12.64 5.21 -10.34
CA GLU A 97 13.13 6.01 -11.46
C GLU A 97 12.27 5.68 -12.69
N PRO A 98 11.60 6.69 -13.27
CA PRO A 98 10.75 6.48 -14.44
C PRO A 98 11.45 5.72 -15.56
N ASP A 99 10.79 4.66 -16.03
CA ASP A 99 11.28 3.80 -17.10
C ASP A 99 12.53 3.00 -16.74
N ILE A 100 12.94 3.10 -15.49
CA ILE A 100 14.12 2.39 -15.01
C ILE A 100 13.80 1.48 -13.82
N GLY A 101 13.21 2.06 -12.80
CA GLY A 101 12.87 1.29 -11.60
C GLY A 101 13.86 1.64 -10.51
N MET A 102 14.45 0.61 -9.91
CA MET A 102 15.44 0.79 -8.85
C MET A 102 16.29 -0.48 -8.77
N PRO A 103 17.39 -0.46 -7.99
CA PRO A 103 18.23 -1.66 -7.89
C PRO A 103 17.38 -2.82 -7.39
N GLU A 104 17.51 -3.97 -8.05
CA GLU A 104 16.74 -5.16 -7.68
C GLU A 104 16.80 -5.50 -6.19
N PRO A 105 17.97 -5.35 -5.55
CA PRO A 105 18.10 -5.66 -4.12
C PRO A 105 17.20 -4.76 -3.25
N ASP A 106 17.11 -3.49 -3.62
CA ASP A 106 16.27 -2.55 -2.87
C ASP A 106 14.79 -2.92 -3.05
N ALA A 107 14.43 -3.30 -4.26
CA ALA A 107 13.05 -3.69 -4.56
C ALA A 107 12.69 -4.95 -3.77
N GLN A 108 13.62 -5.90 -3.69
CA GLN A 108 13.35 -7.12 -2.96
C GLN A 108 13.10 -6.81 -1.49
N ARG A 109 13.93 -5.93 -0.93
CA ARG A 109 13.77 -5.53 0.47
C ARG A 109 12.41 -4.85 0.69
N PHE A 110 12.04 -3.94 -0.20
CA PHE A 110 10.75 -3.25 -0.07
C PHE A 110 9.61 -4.26 -0.20
N PHE A 111 9.77 -5.21 -1.11
CA PHE A 111 8.76 -6.24 -1.32
C PHE A 111 8.61 -7.13 -0.08
N HIS A 112 9.73 -7.49 0.55
CA HIS A 112 9.70 -8.30 1.75
C HIS A 112 8.87 -7.60 2.84
N GLN A 113 9.13 -6.31 3.02
CA GLN A 113 8.42 -5.53 4.04
C GLN A 113 6.95 -5.36 3.70
N LEU A 114 6.66 -5.20 2.41
CA LEU A 114 5.29 -5.04 1.95
C LEU A 114 4.51 -6.32 2.28
N MET A 115 5.13 -7.46 1.99
CA MET A 115 4.47 -8.75 2.28
C MET A 115 4.19 -8.87 3.78
N ALA A 116 5.16 -8.49 4.60
CA ALA A 116 5.00 -8.56 6.06
C ALA A 116 3.80 -7.73 6.50
N GLY A 117 3.69 -6.52 5.95
CA GLY A 117 2.56 -5.68 6.30
C GLY A 117 1.25 -6.29 5.85
N VAL A 118 1.20 -6.77 4.62
CA VAL A 118 -0.01 -7.36 4.06
C VAL A 118 -0.39 -8.66 4.79
N VAL A 119 0.61 -9.49 5.10
CA VAL A 119 0.35 -10.73 5.84
C VAL A 119 -0.30 -10.35 7.16
N TYR A 120 0.21 -9.31 7.78
CA TYR A 120 -0.33 -8.85 9.06
C TYR A 120 -1.79 -8.38 8.94
N LEU A 121 -2.05 -7.55 7.94
CA LEU A 121 -3.39 -7.03 7.72
C LEU A 121 -4.37 -8.17 7.46
N HIS A 122 -4.03 -9.05 6.53
CA HIS A 122 -4.89 -10.17 6.21
C HIS A 122 -5.10 -11.04 7.44
N GLY A 123 -4.06 -11.12 8.28
CA GLY A 123 -4.15 -11.91 9.49
C GLY A 123 -5.21 -11.42 10.45
N ILE A 124 -5.45 -10.12 10.47
CA ILE A 124 -6.48 -9.58 11.36
C ILE A 124 -7.77 -9.30 10.59
N GLY A 125 -7.86 -9.89 9.39
CA GLY A 125 -9.06 -9.75 8.57
C GLY A 125 -9.30 -8.42 7.89
N ILE A 126 -8.23 -7.65 7.69
CA ILE A 126 -8.38 -6.36 7.04
C ILE A 126 -7.74 -6.33 5.65
N THR A 127 -8.44 -5.72 4.69
CA THR A 127 -7.87 -5.57 3.35
C THR A 127 -7.73 -4.07 3.06
N HIS A 128 -6.56 -3.67 2.56
CA HIS A 128 -6.28 -2.26 2.29
C HIS A 128 -7.03 -1.73 1.07
N ARG A 129 -7.08 -2.56 0.03
CA ARG A 129 -7.78 -2.26 -1.22
C ARG A 129 -7.20 -1.19 -2.14
N ASP A 130 -6.14 -0.52 -1.72
CA ASP A 130 -5.55 0.48 -2.60
C ASP A 130 -4.04 0.55 -2.49
N ILE A 131 -3.42 -0.62 -2.56
CA ILE A 131 -1.98 -0.75 -2.49
C ILE A 131 -1.34 -0.26 -3.79
N LYS A 132 -0.46 0.73 -3.66
CA LYS A 132 0.26 1.32 -4.79
C LYS A 132 1.41 2.13 -4.18
N PRO A 133 2.49 2.37 -4.94
CA PRO A 133 3.67 3.11 -4.47
C PRO A 133 3.39 4.43 -3.76
N GLU A 134 2.34 5.12 -4.17
CA GLU A 134 1.98 6.40 -3.55
C GLU A 134 1.43 6.23 -2.14
N ASN A 135 0.98 5.01 -1.81
CA ASN A 135 0.42 4.74 -0.49
C ASN A 135 1.35 3.92 0.40
N LEU A 136 2.57 3.67 -0.10
CA LEU A 136 3.56 2.92 0.67
C LEU A 136 4.62 3.96 1.04
N LEU A 137 4.69 4.28 2.33
CA LEU A 137 5.62 5.28 2.81
C LEU A 137 6.88 4.70 3.43
N LEU A 138 7.91 5.53 3.55
CA LEU A 138 9.18 5.11 4.11
C LEU A 138 9.54 5.97 5.32
N ASP A 139 10.11 5.35 6.35
CA ASP A 139 10.54 6.11 7.53
C ASP A 139 11.97 6.55 7.29
N GLU A 140 12.61 7.13 8.32
CA GLU A 140 13.98 7.61 8.18
C GLU A 140 14.99 6.52 7.79
N ARG A 141 14.67 5.27 8.11
CA ARG A 141 15.56 4.15 7.77
C ARG A 141 15.09 3.42 6.50
N ASP A 142 14.23 4.06 5.73
CA ASP A 142 13.71 3.45 4.51
C ASP A 142 12.88 2.19 4.77
N ASN A 143 12.26 2.12 5.95
CA ASN A 143 11.41 0.98 6.26
C ASN A 143 10.01 1.31 5.71
N LEU A 144 9.45 0.38 4.93
CA LEU A 144 8.14 0.58 4.32
C LEU A 144 6.98 0.54 5.32
N LYS A 145 6.03 1.45 5.13
CA LYS A 145 4.86 1.59 6.00
C LYS A 145 3.60 1.72 5.14
N ILE A 146 2.68 0.78 5.28
CA ILE A 146 1.43 0.83 4.53
C ILE A 146 0.60 1.95 5.13
N SER A 147 0.16 2.89 4.29
CA SER A 147 -0.60 4.04 4.75
C SER A 147 -1.94 4.26 4.07
N ASP A 148 -2.77 5.09 4.70
CA ASP A 148 -4.10 5.45 4.21
C ASP A 148 -5.08 4.28 4.16
N PHE A 149 -5.84 4.11 5.24
CA PHE A 149 -6.80 3.02 5.31
C PHE A 149 -8.21 3.53 5.04
N GLY A 150 -8.28 4.60 4.27
CA GLY A 150 -9.56 5.20 3.94
C GLY A 150 -10.44 4.34 3.03
N LEU A 151 -9.84 3.36 2.36
CA LEU A 151 -10.61 2.47 1.47
C LEU A 151 -10.60 1.04 2.00
N ALA A 152 -9.97 0.85 3.14
CA ALA A 152 -9.85 -0.47 3.75
C ALA A 152 -11.17 -0.94 4.35
N THR A 153 -11.30 -2.25 4.52
CA THR A 153 -12.50 -2.83 5.11
C THR A 153 -12.20 -4.22 5.69
N VAL A 154 -13.13 -4.72 6.50
CA VAL A 154 -12.98 -6.02 7.12
C VAL A 154 -13.54 -7.08 6.18
N PHE A 155 -12.75 -8.11 5.89
CA PHE A 155 -13.21 -9.18 5.02
C PHE A 155 -13.36 -10.49 5.78
N ARG A 156 -12.95 -10.49 7.06
CA ARG A 156 -13.09 -11.70 7.89
C ARG A 156 -13.44 -11.25 9.29
N TYR A 157 -14.54 -11.78 9.80
CA TYR A 157 -14.99 -11.44 11.16
C TYR A 157 -15.51 -12.70 11.80
N ASN A 158 -15.16 -12.92 13.06
CA ASN A 158 -15.56 -14.12 13.79
C ASN A 158 -15.19 -15.34 12.94
N ASN A 159 -14.00 -15.28 12.36
CA ASN A 159 -13.42 -16.34 11.53
C ASN A 159 -14.26 -16.66 10.31
N ARG A 160 -15.17 -15.78 9.95
CA ARG A 160 -16.02 -15.98 8.79
C ARG A 160 -15.66 -14.96 7.70
N GLU A 161 -15.30 -15.47 6.52
CA GLU A 161 -14.93 -14.57 5.44
C GLU A 161 -16.13 -13.97 4.72
N ARG A 162 -16.03 -12.68 4.43
CA ARG A 162 -17.06 -11.94 3.72
C ARG A 162 -16.53 -11.65 2.32
N LEU A 163 -17.26 -12.06 1.28
CA LEU A 163 -16.85 -11.80 -0.08
C LEU A 163 -17.10 -10.31 -0.35
N LEU A 164 -16.26 -9.70 -1.19
CA LEU A 164 -16.44 -8.29 -1.50
C LEU A 164 -17.13 -8.11 -2.84
N ASN A 165 -17.70 -6.92 -3.07
CA ASN A 165 -18.38 -6.63 -4.32
C ASN A 165 -18.27 -5.16 -4.72
N LYS A 166 -17.75 -4.34 -3.81
CA LYS A 166 -17.58 -2.94 -4.09
C LYS A 166 -16.30 -2.77 -4.90
N MET A 167 -16.34 -1.95 -5.94
CA MET A 167 -15.14 -1.71 -6.74
C MET A 167 -14.39 -0.54 -6.11
N CYS A 168 -13.22 -0.84 -5.56
CA CYS A 168 -12.38 0.16 -4.91
C CYS A 168 -10.96 0.00 -5.43
N GLY A 169 -10.16 1.06 -5.33
CA GLY A 169 -8.78 0.99 -5.78
C GLY A 169 -8.38 1.99 -6.85
N THR A 170 -7.32 1.63 -7.57
CA THR A 170 -6.76 2.45 -8.63
C THR A 170 -6.57 1.51 -9.82
N LEU A 171 -7.29 1.80 -10.90
CA LEU A 171 -7.29 0.96 -12.11
C LEU A 171 -6.02 0.20 -12.50
N PRO A 172 -4.87 0.90 -12.61
CA PRO A 172 -3.65 0.19 -13.00
C PRO A 172 -3.23 -0.92 -12.03
N TYR A 173 -3.64 -0.79 -10.77
CA TYR A 173 -3.29 -1.75 -9.72
C TYR A 173 -4.35 -2.78 -9.37
N VAL A 174 -5.56 -2.57 -9.87
CA VAL A 174 -6.67 -3.44 -9.54
C VAL A 174 -6.64 -4.81 -10.26
N ALA A 175 -7.07 -5.84 -9.55
CA ALA A 175 -7.09 -7.19 -10.09
C ALA A 175 -8.25 -7.33 -11.09
N PRO A 176 -8.07 -8.17 -12.12
CA PRO A 176 -9.10 -8.37 -13.16
C PRO A 176 -10.48 -8.82 -12.68
N GLU A 177 -10.53 -9.63 -11.62
CA GLU A 177 -11.81 -10.11 -11.11
C GLU A 177 -12.70 -8.97 -10.61
N LEU A 178 -12.08 -7.87 -10.19
CA LEU A 178 -12.82 -6.71 -9.71
C LEU A 178 -13.67 -6.11 -10.81
N LEU A 179 -13.18 -6.21 -12.04
CA LEU A 179 -13.88 -5.67 -13.20
C LEU A 179 -14.77 -6.70 -13.90
N LYS A 180 -14.51 -7.98 -13.66
CA LYS A 180 -15.26 -9.02 -14.34
C LYS A 180 -16.29 -9.79 -13.54
N ARG A 181 -16.16 -9.81 -12.22
CA ARG A 181 -17.08 -10.57 -11.38
C ARG A 181 -17.85 -9.68 -10.42
N ARG A 182 -19.04 -10.13 -10.02
CA ARG A 182 -19.84 -9.35 -9.09
C ARG A 182 -19.26 -9.45 -7.67
N GLU A 183 -18.83 -10.66 -7.30
CA GLU A 183 -18.24 -10.89 -5.98
C GLU A 183 -16.84 -11.48 -6.12
N PHE A 184 -15.99 -11.23 -5.13
CA PHE A 184 -14.63 -11.74 -5.16
C PHE A 184 -13.97 -11.75 -3.79
N HIS A 185 -12.98 -12.62 -3.63
CA HIS A 185 -12.22 -12.77 -2.40
C HIS A 185 -11.29 -11.56 -2.25
N ALA A 186 -11.18 -11.03 -1.04
CA ALA A 186 -10.34 -9.87 -0.79
C ALA A 186 -8.83 -10.10 -0.93
N GLU A 187 -8.32 -11.19 -0.37
CA GLU A 187 -6.90 -11.47 -0.39
C GLU A 187 -6.18 -11.53 -1.75
N PRO A 188 -6.75 -12.24 -2.74
CA PRO A 188 -6.05 -12.28 -4.03
C PRO A 188 -5.95 -10.90 -4.65
N VAL A 189 -6.91 -10.02 -4.33
CA VAL A 189 -6.89 -8.67 -4.87
C VAL A 189 -5.66 -7.90 -4.38
N ASP A 190 -5.39 -7.96 -3.07
CA ASP A 190 -4.21 -7.27 -2.52
C ASP A 190 -2.92 -7.90 -3.06
N VAL A 191 -2.94 -9.22 -3.25
CA VAL A 191 -1.76 -9.90 -3.77
C VAL A 191 -1.43 -9.34 -5.16
N TRP A 192 -2.47 -9.20 -5.98
CA TRP A 192 -2.32 -8.68 -7.34
C TRP A 192 -1.68 -7.30 -7.32
N SER A 193 -2.23 -6.41 -6.49
CA SER A 193 -1.71 -5.05 -6.33
C SER A 193 -0.22 -5.07 -6.01
N CYS A 194 0.16 -5.94 -5.07
CA CYS A 194 1.57 -6.05 -4.69
C CYS A 194 2.41 -6.46 -5.90
N GLY A 195 1.83 -7.27 -6.78
CA GLY A 195 2.55 -7.69 -7.97
C GLY A 195 2.78 -6.50 -8.90
N ILE A 196 1.77 -5.64 -9.02
CA ILE A 196 1.89 -4.45 -9.87
C ILE A 196 2.95 -3.51 -9.26
N VAL A 197 2.97 -3.41 -7.93
CA VAL A 197 3.96 -2.57 -7.26
C VAL A 197 5.37 -3.12 -7.53
N LEU A 198 5.50 -4.44 -7.51
CA LEU A 198 6.80 -5.06 -7.77
C LEU A 198 7.25 -4.74 -9.20
N THR A 199 6.32 -4.81 -10.14
CA THR A 199 6.60 -4.52 -11.54
C THR A 199 7.16 -3.10 -11.67
N ALA A 200 6.47 -2.15 -11.04
CA ALA A 200 6.85 -0.75 -11.05
C ALA A 200 8.25 -0.53 -10.49
N MET A 201 8.52 -1.15 -9.34
CA MET A 201 9.84 -1.01 -8.72
C MET A 201 10.95 -1.57 -9.60
N LEU A 202 10.67 -2.62 -10.36
CA LEU A 202 11.70 -3.22 -11.20
C LEU A 202 11.78 -2.71 -12.64
N ALA A 203 10.75 -2.03 -13.12
CA ALA A 203 10.76 -1.54 -14.50
C ALA A 203 10.49 -0.05 -14.60
N GLY A 204 10.07 0.56 -13.51
CA GLY A 204 9.80 1.98 -13.51
C GLY A 204 8.66 2.37 -14.43
N GLU A 205 7.72 1.45 -14.67
CA GLU A 205 6.56 1.72 -15.51
C GLU A 205 5.46 0.70 -15.22
N LEU A 206 4.22 1.10 -15.43
CA LEU A 206 3.08 0.22 -15.20
C LEU A 206 2.76 -0.56 -16.46
N PRO A 207 2.48 -1.86 -16.33
CA PRO A 207 2.17 -2.70 -17.49
C PRO A 207 0.91 -2.37 -18.30
N TRP A 208 -0.15 -1.91 -17.64
CA TRP A 208 -1.39 -1.58 -18.36
C TRP A 208 -2.25 -0.55 -17.63
N ASP A 209 -3.14 0.10 -18.39
CA ASP A 209 -4.04 1.10 -17.81
C ASP A 209 -5.04 0.38 -16.92
N GLN A 210 -5.36 -0.86 -17.30
CA GLN A 210 -6.28 -1.68 -16.53
C GLN A 210 -6.20 -3.12 -17.03
N PRO A 211 -6.45 -4.10 -16.16
CA PRO A 211 -6.39 -5.52 -16.54
C PRO A 211 -7.65 -6.03 -17.22
N SER A 212 -7.90 -5.58 -18.45
CA SER A 212 -9.07 -6.03 -19.18
C SER A 212 -8.66 -6.51 -20.57
N ASP A 213 -9.40 -7.46 -21.10
CA ASP A 213 -9.10 -8.02 -22.42
C ASP A 213 -9.11 -6.97 -23.53
N SER A 214 -9.74 -5.83 -23.26
CA SER A 214 -9.79 -4.76 -24.24
C SER A 214 -8.48 -3.97 -24.26
N CYS A 215 -7.66 -4.19 -23.23
CA CYS A 215 -6.38 -3.51 -23.12
C CYS A 215 -5.30 -4.38 -23.77
N GLN A 216 -4.73 -3.88 -24.87
CA GLN A 216 -3.71 -4.60 -25.61
C GLN A 216 -2.54 -5.11 -24.75
N GLU A 217 -1.99 -4.23 -23.92
CA GLU A 217 -0.88 -4.61 -23.04
C GLU A 217 -1.21 -5.82 -22.18
N TYR A 218 -2.43 -5.86 -21.66
CA TYR A 218 -2.83 -6.98 -20.81
C TYR A 218 -2.97 -8.26 -21.62
N SER A 219 -3.52 -8.14 -22.83
CA SER A 219 -3.66 -9.32 -23.68
C SER A 219 -2.29 -9.90 -24.02
N ASP A 220 -1.30 -9.02 -24.23
CA ASP A 220 0.06 -9.46 -24.55
C ASP A 220 0.66 -10.28 -23.41
N TRP A 221 0.43 -9.82 -22.18
CA TRP A 221 0.93 -10.50 -20.99
C TRP A 221 0.33 -11.90 -20.90
N LYS A 222 -0.98 -11.97 -21.10
CA LYS A 222 -1.66 -13.26 -21.03
C LYS A 222 -1.14 -14.16 -22.16
N GLU A 223 -0.69 -13.53 -23.24
CA GLU A 223 -0.14 -14.26 -24.38
C GLU A 223 1.36 -14.52 -24.17
N LYS A 224 1.84 -14.15 -22.99
CA LYS A 224 3.22 -14.37 -22.58
C LYS A 224 4.32 -13.74 -23.45
N LYS A 225 4.05 -12.55 -23.98
CA LYS A 225 5.03 -11.85 -24.80
C LYS A 225 5.93 -11.03 -23.87
N THR A 226 6.70 -11.72 -23.05
CA THR A 226 7.59 -11.06 -22.10
C THR A 226 8.79 -10.36 -22.73
N TYR A 227 8.88 -10.39 -24.05
CA TYR A 227 9.99 -9.74 -24.75
C TYR A 227 9.65 -8.27 -24.95
N LEU A 228 8.44 -7.89 -24.52
CA LEU A 228 8.01 -6.49 -24.62
C LEU A 228 8.17 -5.86 -23.24
N ASN A 229 8.19 -4.53 -23.21
CA ASN A 229 8.31 -3.81 -21.95
C ASN A 229 6.97 -3.93 -21.24
N PRO A 230 6.97 -3.87 -19.90
CA PRO A 230 8.15 -3.70 -19.04
C PRO A 230 8.86 -5.02 -18.70
N TRP A 231 8.22 -6.12 -19.07
CA TRP A 231 8.74 -7.44 -18.77
C TRP A 231 10.19 -7.71 -19.20
N LYS A 232 10.61 -7.16 -20.34
CA LYS A 232 11.97 -7.41 -20.81
C LYS A 232 13.05 -6.77 -19.93
N LYS A 233 12.68 -5.77 -19.15
CA LYS A 233 13.62 -5.10 -18.25
C LYS A 233 13.78 -5.83 -16.92
N ILE A 234 12.91 -6.80 -16.66
CA ILE A 234 12.92 -7.54 -15.41
C ILE A 234 13.67 -8.87 -15.55
N ASP A 235 14.58 -9.13 -14.62
CA ASP A 235 15.36 -10.36 -14.65
C ASP A 235 14.46 -11.58 -14.56
N SER A 236 14.96 -12.73 -15.01
CA SER A 236 14.18 -13.97 -15.02
C SER A 236 13.66 -14.44 -13.67
N ALA A 237 14.45 -14.28 -12.61
CA ALA A 237 14.03 -14.72 -11.28
C ALA A 237 12.79 -13.94 -10.83
N PRO A 238 12.89 -12.60 -10.72
CA PRO A 238 11.69 -11.87 -10.29
C PRO A 238 10.52 -11.99 -11.28
N LEU A 239 10.84 -12.13 -12.56
CA LEU A 239 9.80 -12.24 -13.57
C LEU A 239 9.00 -13.53 -13.39
N ALA A 240 9.67 -14.59 -12.95
CA ALA A 240 8.99 -15.87 -12.72
C ALA A 240 7.98 -15.67 -11.60
N LEU A 241 8.35 -14.92 -10.57
CA LEU A 241 7.42 -14.67 -9.46
C LEU A 241 6.21 -13.90 -10.00
N LEU A 242 6.48 -12.88 -10.81
CA LEU A 242 5.42 -12.07 -11.39
C LEU A 242 4.47 -12.93 -12.24
N HIS A 243 5.00 -13.96 -12.90
CA HIS A 243 4.17 -14.85 -13.70
C HIS A 243 3.18 -15.58 -12.78
N LYS A 244 3.54 -15.77 -11.52
CA LYS A 244 2.67 -16.45 -10.57
C LYS A 244 1.68 -15.53 -9.86
N ILE A 245 2.03 -14.25 -9.75
CA ILE A 245 1.17 -13.27 -9.09
C ILE A 245 0.13 -12.68 -10.03
N LEU A 246 0.56 -12.28 -11.22
CA LEU A 246 -0.37 -11.67 -12.17
C LEU A 246 -1.08 -12.75 -13.00
N VAL A 247 -1.79 -13.61 -12.29
CA VAL A 247 -2.57 -14.69 -12.88
C VAL A 247 -4.02 -14.23 -12.87
N GLU A 248 -4.66 -14.25 -14.03
CA GLU A 248 -6.05 -13.78 -14.12
C GLU A 248 -7.04 -14.46 -13.17
N ASN A 249 -7.00 -15.78 -13.08
CA ASN A 249 -7.90 -16.52 -12.20
C ASN A 249 -7.43 -16.34 -10.75
N PRO A 250 -8.20 -15.61 -9.93
CA PRO A 250 -7.83 -15.39 -8.53
C PRO A 250 -7.68 -16.67 -7.71
N SER A 251 -8.37 -17.72 -8.11
CA SER A 251 -8.29 -18.99 -7.40
C SER A 251 -6.97 -19.69 -7.74
N ALA A 252 -6.41 -19.38 -8.90
CA ALA A 252 -5.15 -20.00 -9.31
C ALA A 252 -3.96 -19.12 -8.93
N ARG A 253 -4.22 -17.86 -8.62
CA ARG A 253 -3.17 -16.93 -8.25
C ARG A 253 -2.40 -17.41 -7.03
N ILE A 254 -1.10 -17.14 -7.01
CA ILE A 254 -0.27 -17.54 -5.89
C ILE A 254 -0.72 -16.83 -4.61
N THR A 255 -0.62 -17.52 -3.49
CA THR A 255 -1.00 -16.93 -2.20
C THR A 255 0.28 -16.44 -1.54
N ILE A 256 0.14 -15.64 -0.48
CA ILE A 256 1.33 -15.13 0.17
C ILE A 256 2.21 -16.23 0.75
N PRO A 257 1.61 -17.24 1.41
CA PRO A 257 2.46 -18.31 1.96
C PRO A 257 3.38 -18.89 0.89
N ASP A 258 2.89 -18.99 -0.34
CA ASP A 258 3.72 -19.53 -1.41
C ASP A 258 4.68 -18.51 -2.01
N ILE A 259 4.32 -17.23 -1.92
CA ILE A 259 5.23 -16.18 -2.40
C ILE A 259 6.48 -16.27 -1.52
N LYS A 260 6.27 -16.58 -0.24
CA LYS A 260 7.38 -16.68 0.70
C LYS A 260 8.31 -17.85 0.39
N LYS A 261 7.85 -18.76 -0.46
CA LYS A 261 8.65 -19.92 -0.86
C LYS A 261 9.27 -19.71 -2.23
N ASP A 262 8.90 -18.63 -2.90
CA ASP A 262 9.42 -18.35 -4.23
C ASP A 262 10.94 -18.17 -4.24
N ARG A 263 11.56 -18.64 -5.32
CA ARG A 263 13.02 -18.57 -5.45
C ARG A 263 13.61 -17.16 -5.36
N TRP A 264 13.05 -16.22 -6.14
CA TRP A 264 13.58 -14.87 -6.10
C TRP A 264 13.35 -14.23 -4.73
N TYR A 265 12.19 -14.52 -4.15
CA TYR A 265 11.85 -13.97 -2.84
C TYR A 265 12.92 -14.34 -1.81
N ASN A 266 13.47 -15.54 -1.92
CA ASN A 266 14.47 -16.03 -0.98
C ASN A 266 15.93 -15.91 -1.46
N LYS A 267 16.13 -15.24 -2.59
CA LYS A 267 17.46 -15.08 -3.16
C LYS A 267 18.26 -13.97 -2.47
N PRO A 268 19.48 -14.30 -1.99
CA PRO A 268 20.34 -13.31 -1.32
C PRO A 268 20.76 -12.24 -2.31
N LEU A 269 20.50 -10.97 -2.00
CA LEU A 269 20.84 -9.89 -2.92
C LEU A 269 21.28 -8.61 -2.24
N LYS A 270 20.61 -8.30 -1.12
CA LYS A 270 20.84 -7.06 -0.38
C LYS A 270 21.69 -7.14 0.88
N LYS A 271 22.78 -6.39 0.90
CA LYS A 271 23.66 -6.34 2.06
C LYS A 271 22.93 -5.53 3.13
N GLY A 272 23.19 -5.84 4.40
CA GLY A 272 22.54 -5.09 5.46
C GLY A 272 22.95 -3.62 5.38
N ALA A 273 22.28 -2.76 6.14
CA ALA A 273 22.61 -1.34 6.11
C ALA A 273 24.00 -1.11 6.67
N ALA B 1 -0.38 27.81 12.15
CA ALA B 1 -1.50 26.87 12.49
C ALA B 1 -1.01 25.80 13.46
N SER B 2 -1.91 25.33 14.32
CA SER B 2 -1.56 24.30 15.29
C SER B 2 -2.78 23.50 15.75
N VAL B 3 -2.52 22.48 16.57
CA VAL B 3 -3.57 21.63 17.10
C VAL B 3 -3.21 21.16 18.51
N SER B 4 -4.18 20.62 19.22
CA SER B 4 -3.95 20.12 20.57
C SER B 4 -4.05 18.60 20.59
N ALA B 5 -3.36 17.97 21.52
CA ALA B 5 -3.36 16.51 21.64
C ALA B 5 -4.36 16.04 22.70
S SO4 C . -17.36 -2.89 2.01
O1 SO4 C . -17.08 -3.66 3.24
O2 SO4 C . -16.78 -3.58 0.86
O3 SO4 C . -16.77 -1.54 2.16
O4 SO4 C . -18.82 -2.75 1.82
O37 UCN D . -0.01 7.88 7.46
C9 UCN D . 0.37 9.24 7.57
N1 UCN D . 1.75 9.38 8.01
C8 UCN D . 2.61 9.96 7.15
O5 UCN D . 3.80 10.16 7.31
C7 UCN D . 1.75 10.29 5.97
C6 UCN D . 2.19 10.96 4.70
C5 UCN D . 3.39 11.48 4.17
C20 UCN D . 3.08 11.98 2.84
C1 UCN D . 4.07 12.58 1.99
C2 UCN D . 5.38 12.67 2.48
C3 UCN D . 5.70 12.17 3.80
C4 UCN D . 4.73 11.60 4.61
N3 UCN D . 1.75 11.78 2.60
C19 UCN D . 1.13 11.14 3.73
C18 UCN D . -0.17 10.71 3.96
N2 UCN D . -1.37 10.74 3.15
C17 UCN D . -2.47 10.16 3.87
C12 UCN D . -1.94 9.73 5.15
C13 UCN D . -2.82 9.11 6.06
C14 UCN D . -4.16 8.88 5.78
C15 UCN D . -4.66 9.31 4.48
C16 UCN D . -3.81 9.93 3.57
C11 UCN D . -0.55 10.07 5.21
C10 UCN D . 0.50 9.89 6.19
C21 UCN D . -1.29 11.34 1.74
O4 UCN D . -0.39 12.44 1.78
C25 UCN D . 1.01 12.40 1.48
C24 UCN D . 1.26 11.54 0.19
C23 UCN D . -0.06 10.96 -0.41
N4 UCN D . 0.37 10.03 -1.61
C28 UCN D . -0.83 9.46 -2.31
C22 UCN D . -0.90 10.20 0.69
O6 UCN D . 0.01 9.23 1.30
C27 UCN D . -0.60 7.96 1.47
C26 UCN D . -2.62 11.96 1.31
#